data_1YXY
#
_entry.id   1YXY
#
_cell.length_a   59.640
_cell.length_b   83.521
_cell.length_c   104.256
_cell.angle_alpha   90.00
_cell.angle_beta   90.00
_cell.angle_gamma   90.00
#
_symmetry.space_group_name_H-M   'P 21 21 21'
#
loop_
_entity.id
_entity.type
_entity.pdbx_description
1 polymer 'Putative N-acetylmannosamine-6-phosphate 2-epimerase'
2 water water
#
_entity_poly.entity_id   1
_entity_poly.type   'polypeptide(L)'
_entity_poly.pdbx_seq_one_letter_code
;MPDKPTKEKLMEQLKGGIIVSCQALPGEPLYSETGGIMPLMAKAAQEAGAVGIRANSVRDIKEIQAITDLPIIGIIKKDY
PPQEPFITATMTEVDQLAALNIAVIAMDCTKRDRHDGLDIASFIRQVKEKYPNQLLMADISTFDEGLVAHQAGIDFVGTT
LSGYTPYSRQEAGPDVALIEALCKAGIAVIAEGKIHSPEEAKKINDLGVAGIVVGGAITRPKEIAERFIEALKS
;
_entity_poly.pdbx_strand_id   A,B
#
# COMPACT_ATOMS: atom_id res chain seq x y z
N LYS A 4 3.84 4.60 -8.32
CA LYS A 4 5.15 3.92 -8.10
C LYS A 4 6.12 4.22 -9.24
N PRO A 5 6.74 5.42 -9.24
CA PRO A 5 7.72 5.71 -10.29
C PRO A 5 9.01 4.94 -10.02
N THR A 6 9.73 4.58 -11.08
CA THR A 6 11.05 3.99 -10.92
C THR A 6 11.96 5.05 -10.32
N LYS A 7 13.04 4.62 -9.68
CA LYS A 7 14.02 5.58 -9.15
C LYS A 7 14.54 6.49 -10.27
N GLU A 8 14.80 5.91 -11.44
CA GLU A 8 15.30 6.67 -12.58
C GLU A 8 14.33 7.79 -12.98
N LYS A 9 13.06 7.43 -13.13
CA LYS A 9 12.04 8.39 -13.53
C LYS A 9 11.82 9.47 -12.46
N LEU A 10 11.85 9.08 -11.19
CA LEU A 10 11.71 10.05 -10.12
C LEU A 10 12.91 10.99 -10.06
N MET A 11 14.11 10.43 -10.22
CA MET A 11 15.33 11.26 -10.24
C MET A 11 15.28 12.29 -11.38
N GLU A 12 14.77 11.88 -12.54
CA GLU A 12 14.60 12.79 -13.67
C GLU A 12 13.66 13.95 -13.30
N GLN A 13 12.58 13.61 -12.60
CA GLN A 13 11.58 14.59 -12.17
C GLN A 13 12.13 15.59 -11.15
N LEU A 14 12.92 15.09 -10.20
CA LEU A 14 13.40 15.90 -9.08
C LEU A 14 14.63 16.75 -9.39
N LYS A 15 15.43 16.32 -10.35
CA LYS A 15 16.72 16.94 -10.64
C LYS A 15 16.62 18.43 -10.96
N GLY A 16 17.37 19.25 -10.24
CA GLY A 16 17.47 20.69 -10.50
C GLY A 16 16.25 21.50 -10.11
N GLY A 17 15.36 20.89 -9.33
CA GLY A 17 14.14 21.55 -8.90
C GLY A 17 14.01 21.66 -7.40
N ILE A 18 12.85 22.16 -6.97
CA ILE A 18 12.55 22.35 -5.55
C ILE A 18 11.35 21.50 -5.19
N ILE A 19 11.51 20.69 -4.13
CA ILE A 19 10.43 19.96 -3.50
C ILE A 19 9.95 20.84 -2.33
N VAL A 20 8.65 21.03 -2.19
CA VAL A 20 8.13 21.88 -1.11
C VAL A 20 7.48 21.04 -0.02
N SER A 21 7.97 21.20 1.21
CA SER A 21 7.38 20.53 2.37
C SER A 21 6.21 21.37 2.88
N CYS A 22 5.03 20.75 2.89
CA CYS A 22 3.78 21.44 3.26
C CYS A 22 3.22 20.82 4.53
N GLN A 23 3.77 21.26 5.67
CA GLN A 23 3.41 20.69 6.96
C GLN A 23 2.89 21.74 7.95
N ALA A 24 1.96 21.31 8.79
CA ALA A 24 1.48 22.13 9.89
C ALA A 24 0.96 21.19 10.96
N LEU A 25 1.64 21.20 12.10
CA LEU A 25 1.30 20.31 13.21
C LEU A 25 0.37 21.03 14.19
N PRO A 26 -0.42 20.28 14.98
CA PRO A 26 -1.30 20.94 15.95
C PRO A 26 -0.55 21.97 16.79
N GLY A 27 -1.13 23.17 16.93
CA GLY A 27 -0.47 24.26 17.61
C GLY A 27 0.05 25.32 16.65
N GLU A 28 0.35 24.93 15.42
CA GLU A 28 0.79 25.89 14.39
C GLU A 28 -0.37 26.68 13.81
N PRO A 29 -0.12 27.92 13.37
CA PRO A 29 -1.20 28.77 12.86
C PRO A 29 -1.92 28.23 11.62
N LEU A 30 -1.22 27.45 10.79
CA LEU A 30 -1.86 26.87 9.59
C LEU A 30 -2.37 25.44 9.80
N TYR A 31 -2.37 24.98 11.06
CA TYR A 31 -3.01 23.71 11.37
C TYR A 31 -4.53 23.89 11.43
N SER A 32 -5.23 23.09 10.64
CA SER A 32 -6.69 23.07 10.67
C SER A 32 -7.17 21.68 11.04
N GLU A 33 -8.06 21.63 12.04
CA GLU A 33 -8.66 20.37 12.48
C GLU A 33 -9.45 19.71 11.35
N THR A 34 -9.98 20.51 10.43
CA THR A 34 -10.76 20.01 9.30
C THR A 34 -9.96 19.97 7.99
N GLY A 35 -8.66 20.25 8.06
CA GLY A 35 -7.78 20.25 6.89
C GLY A 35 -8.07 21.40 5.94
N GLY A 36 -7.76 21.20 4.66
CA GLY A 36 -8.08 22.19 3.62
C GLY A 36 -7.08 23.32 3.41
N ILE A 37 -6.03 23.35 4.23
CA ILE A 37 -5.02 24.41 4.13
C ILE A 37 -3.77 23.92 3.41
N MET A 38 -3.24 22.79 3.86
CA MET A 38 -2.03 22.24 3.23
C MET A 38 -2.21 21.93 1.73
N PRO A 39 -3.38 21.42 1.30
CA PRO A 39 -3.56 21.28 -0.15
C PRO A 39 -3.42 22.59 -0.94
N LEU A 40 -3.82 23.71 -0.35
CA LEU A 40 -3.64 25.02 -1.00
C LEU A 40 -2.16 25.40 -1.08
N MET A 41 -1.41 25.08 -0.03
CA MET A 41 0.03 25.28 -0.04
C MET A 41 0.70 24.44 -1.13
N ALA A 42 0.28 23.19 -1.25
CA ALA A 42 0.81 22.29 -2.28
C ALA A 42 0.45 22.80 -3.68
N LYS A 43 -0.78 23.27 -3.84
CA LYS A 43 -1.21 23.88 -5.10
C LYS A 43 -0.32 25.08 -5.45
N ALA A 44 -0.04 25.94 -4.48
CA ALA A 44 0.86 27.07 -4.67
C ALA A 44 2.25 26.62 -5.14
N ALA A 45 2.77 25.59 -4.50
CA ALA A 45 4.06 25.01 -4.87
C ALA A 45 4.04 24.51 -6.32
N GLN A 46 2.98 23.78 -6.68
CA GLN A 46 2.85 23.25 -8.04
C GLN A 46 2.80 24.36 -9.07
N GLU A 47 2.01 25.40 -8.80
CA GLU A 47 1.86 26.53 -9.71
C GLU A 47 3.17 27.31 -9.89
N ALA A 48 3.98 27.29 -8.84
CA ALA A 48 5.30 27.92 -8.87
C ALA A 48 6.31 27.13 -9.69
N GLY A 49 6.03 25.85 -9.94
CA GLY A 49 6.92 24.98 -10.68
C GLY A 49 7.68 23.98 -9.82
N ALA A 50 7.18 23.71 -8.61
CA ALA A 50 7.80 22.71 -7.75
C ALA A 50 7.76 21.34 -8.42
N VAL A 51 8.73 20.49 -8.08
CA VAL A 51 8.86 19.18 -8.70
C VAL A 51 8.37 18.03 -7.81
N GLY A 52 8.07 18.36 -6.56
CA GLY A 52 7.55 17.38 -5.61
C GLY A 52 7.01 18.05 -4.36
N ILE A 53 6.34 17.26 -3.52
CA ILE A 53 5.81 17.73 -2.24
C ILE A 53 6.26 16.78 -1.13
N ARG A 54 6.66 17.33 0.02
CA ARG A 54 6.80 16.51 1.24
C ARG A 54 5.62 16.85 2.15
N ALA A 55 4.98 15.82 2.69
CA ALA A 55 3.78 16.02 3.51
C ALA A 55 3.72 15.02 4.65
N ASN A 56 3.04 15.44 5.72
CA ASN A 56 2.88 14.62 6.93
C ASN A 56 1.42 14.28 7.16
N SER A 57 1.17 13.04 7.59
CA SER A 57 -0.14 12.50 7.97
C SER A 57 -0.96 11.98 6.80
N VAL A 58 -1.73 10.92 7.09
CA VAL A 58 -2.62 10.32 6.09
C VAL A 58 -3.61 11.36 5.58
N ARG A 59 -4.18 12.15 6.49
CA ARG A 59 -5.16 13.17 6.11
C ARG A 59 -4.59 14.18 5.09
N ASP A 60 -3.45 14.77 5.43
CA ASP A 60 -2.83 15.80 4.59
C ASP A 60 -2.40 15.23 3.25
N ILE A 61 -1.79 14.04 3.28
CA ILE A 61 -1.33 13.42 2.04
C ILE A 61 -2.50 13.19 1.07
N LYS A 62 -3.60 12.64 1.58
CA LYS A 62 -4.78 12.37 0.76
C LYS A 62 -5.37 13.67 0.17
N GLU A 63 -5.43 14.72 0.99
CA GLU A 63 -5.94 16.02 0.52
C GLU A 63 -5.04 16.60 -0.56
N ILE A 64 -3.73 16.43 -0.40
CA ILE A 64 -2.76 16.89 -1.39
C ILE A 64 -2.86 16.07 -2.70
N GLN A 65 -3.00 14.76 -2.57
CA GLN A 65 -3.16 13.89 -3.74
C GLN A 65 -4.37 14.29 -4.59
N ALA A 66 -5.40 14.83 -3.93
CA ALA A 66 -6.62 15.25 -4.61
C ALA A 66 -6.42 16.46 -5.52
N ILE A 67 -5.38 17.26 -5.27
CA ILE A 67 -5.17 18.48 -6.04
C ILE A 67 -3.87 18.56 -6.86
N THR A 68 -2.98 17.57 -6.68
CA THR A 68 -1.75 17.52 -7.48
C THR A 68 -1.30 16.10 -7.83
N ASP A 69 -0.67 15.96 -9.00
CA ASP A 69 -0.06 14.71 -9.42
C ASP A 69 1.45 14.71 -9.20
N LEU A 70 1.97 15.76 -8.55
CA LEU A 70 3.37 15.81 -8.18
C LEU A 70 3.73 14.64 -7.25
N PRO A 71 4.95 14.09 -7.38
CA PRO A 71 5.34 13.00 -6.50
C PRO A 71 5.43 13.48 -5.05
N ILE A 72 5.02 12.62 -4.13
CA ILE A 72 4.98 12.95 -2.71
C ILE A 72 5.99 12.15 -1.93
N ILE A 73 6.74 12.85 -1.08
CA ILE A 73 7.51 12.22 -0.02
C ILE A 73 6.63 12.29 1.22
N GLY A 74 6.23 11.13 1.73
CA GLY A 74 5.27 11.09 2.84
C GLY A 74 5.87 10.59 4.13
N ILE A 75 5.40 11.18 5.23
CA ILE A 75 5.79 10.78 6.58
C ILE A 75 4.56 10.75 7.49
N ILE A 76 4.69 10.07 8.63
CA ILE A 76 3.72 10.20 9.71
C ILE A 76 4.48 10.47 11.00
N LYS A 77 4.29 11.67 11.52
CA LYS A 77 4.92 12.10 12.75
C LYS A 77 4.08 11.63 13.93
N LYS A 78 4.68 10.76 14.74
CA LYS A 78 4.02 10.20 15.92
C LYS A 78 5.07 9.78 16.92
N ASP A 79 4.89 10.23 18.16
CA ASP A 79 5.80 9.89 19.25
C ASP A 79 5.66 8.45 19.69
N TYR A 80 6.79 7.82 19.96
CA TYR A 80 6.83 6.50 20.57
C TYR A 80 7.79 6.55 21.75
N PRO A 81 7.33 7.13 22.88
CA PRO A 81 8.17 7.29 24.08
C PRO A 81 8.51 5.93 24.69
N PRO A 82 9.63 5.84 25.45
CA PRO A 82 10.55 6.92 25.83
C PRO A 82 11.58 7.28 24.76
N GLN A 83 11.63 6.52 23.68
CA GLN A 83 12.61 6.73 22.62
C GLN A 83 12.33 8.03 21.85
N GLU A 84 13.36 8.53 21.16
CA GLU A 84 13.33 9.85 20.54
C GLU A 84 12.67 9.95 19.15
N PRO A 85 12.93 8.99 18.25
CA PRO A 85 12.40 9.14 16.89
C PRO A 85 10.88 9.33 16.82
N PHE A 86 10.43 10.18 15.89
CA PHE A 86 9.00 10.39 15.69
C PHE A 86 8.57 10.51 14.23
N ILE A 87 9.55 10.63 13.32
CA ILE A 87 9.23 10.66 11.89
C ILE A 87 9.16 9.21 11.37
N THR A 88 7.93 8.74 11.14
CA THR A 88 7.67 7.40 10.62
C THR A 88 8.49 6.37 11.43
N ALA A 89 8.19 6.33 12.72
CA ALA A 89 9.04 5.64 13.70
C ALA A 89 8.97 4.11 13.68
N THR A 90 7.82 3.55 13.31
CA THR A 90 7.60 2.10 13.33
C THR A 90 6.96 1.59 12.03
N MET A 91 6.91 0.27 11.87
CA MET A 91 6.31 -0.34 10.68
C MET A 91 4.84 0.06 10.51
N THR A 92 4.17 0.37 11.62
CA THR A 92 2.77 0.79 11.56
C THR A 92 2.61 2.02 10.67
N GLU A 93 3.50 3.00 10.83
CA GLU A 93 3.46 4.22 10.00
C GLU A 93 3.84 3.90 8.57
N VAL A 94 4.87 3.07 8.39
CA VAL A 94 5.28 2.62 7.06
C VAL A 94 4.11 1.98 6.32
N ASP A 95 3.39 1.07 7.00
CA ASP A 95 2.25 0.36 6.42
C ASP A 95 1.15 1.33 5.92
N GLN A 96 0.80 2.30 6.74
CA GLN A 96 -0.21 3.31 6.38
C GLN A 96 0.23 4.13 5.18
N LEU A 97 1.52 4.47 5.14
CA LEU A 97 2.06 5.25 4.02
C LEU A 97 2.12 4.42 2.74
N ALA A 98 2.45 3.13 2.88
CA ALA A 98 2.44 2.21 1.74
C ALA A 98 1.05 2.13 1.10
N ALA A 99 0.00 2.22 1.92
CA ALA A 99 -1.38 2.14 1.43
C ALA A 99 -1.81 3.40 0.64
N LEU A 100 -1.02 4.47 0.74
CA LEU A 100 -1.34 5.74 0.09
C LEU A 100 -0.87 5.82 -1.36
N ASN A 101 -0.05 4.84 -1.76
CA ASN A 101 0.47 4.76 -3.12
C ASN A 101 1.23 6.05 -3.49
N ILE A 102 2.21 6.39 -2.65
CA ILE A 102 3.03 7.57 -2.86
C ILE A 102 4.45 7.20 -3.29
N ALA A 103 5.13 8.16 -3.93
CA ALA A 103 6.42 7.93 -4.55
C ALA A 103 7.50 7.52 -3.56
N VAL A 104 7.55 8.20 -2.42
CA VAL A 104 8.62 8.00 -1.44
C VAL A 104 8.07 8.00 -0.03
N ILE A 105 8.49 7.01 0.77
CA ILE A 105 8.27 7.03 2.21
C ILE A 105 9.57 7.49 2.88
N ALA A 106 9.50 8.57 3.64
CA ALA A 106 10.65 9.01 4.44
C ALA A 106 10.47 8.58 5.89
N MET A 107 11.59 8.28 6.54
CA MET A 107 11.58 7.80 7.91
C MET A 107 12.88 8.14 8.63
N ASP A 108 12.77 8.35 9.94
CA ASP A 108 13.92 8.59 10.80
C ASP A 108 14.85 7.39 10.73
N CYS A 109 16.06 7.62 10.24
CA CYS A 109 17.10 6.59 10.16
C CYS A 109 18.35 6.97 10.95
N THR A 110 18.14 7.69 12.05
CA THR A 110 19.23 8.03 12.95
C THR A 110 19.70 6.81 13.73
N LYS A 111 20.86 6.94 14.38
CA LYS A 111 21.45 5.87 15.18
C LYS A 111 20.77 5.68 16.54
N ARG A 112 19.77 6.51 16.83
CA ARG A 112 19.14 6.55 18.15
C ARG A 112 18.30 5.29 18.45
N ASP A 113 18.21 4.95 19.74
CA ASP A 113 17.43 3.78 20.17
C ASP A 113 16.01 3.84 19.61
N ARG A 114 15.57 2.72 19.04
CA ARG A 114 14.24 2.61 18.45
C ARG A 114 13.27 1.95 19.42
N HIS A 115 12.01 2.42 19.38
CA HIS A 115 10.95 1.83 20.20
C HIS A 115 10.76 0.34 19.95
N ASP A 116 10.94 -0.09 18.70
CA ASP A 116 10.75 -1.50 18.34
C ASP A 116 11.98 -2.38 18.64
N GLY A 117 13.04 -1.75 19.15
CA GLY A 117 14.25 -2.46 19.58
C GLY A 117 15.18 -2.92 18.47
N LEU A 118 14.82 -2.64 17.21
CA LEU A 118 15.66 -3.01 16.08
C LEU A 118 16.80 -2.03 15.91
N ASP A 119 17.92 -2.49 15.36
CA ASP A 119 18.92 -1.56 14.86
C ASP A 119 18.39 -1.01 13.54
N ILE A 120 18.80 0.20 13.20
CA ILE A 120 18.21 0.88 12.02
C ILE A 120 18.42 0.12 10.70
N ALA A 121 19.60 -0.47 10.50
CA ALA A 121 19.87 -1.22 9.27
C ALA A 121 18.90 -2.39 9.11
N SER A 122 18.60 -3.07 10.22
CA SER A 122 17.65 -4.19 10.21
C SER A 122 16.25 -3.75 9.84
N PHE A 123 15.83 -2.60 10.37
CA PHE A 123 14.52 -2.05 10.05
C PHE A 123 14.43 -1.68 8.57
N ILE A 124 15.45 -1.02 8.05
CA ILE A 124 15.49 -0.67 6.63
C ILE A 124 15.36 -1.92 5.77
N ARG A 125 16.14 -2.95 6.10
CA ARG A 125 16.07 -4.22 5.38
C ARG A 125 14.67 -4.86 5.49
N GLN A 126 14.06 -4.77 6.67
CA GLN A 126 12.69 -5.27 6.88
C GLN A 126 11.67 -4.57 5.99
N VAL A 127 11.75 -3.24 5.91
CA VAL A 127 10.83 -2.47 5.07
C VAL A 127 11.03 -2.83 3.59
N LYS A 128 12.29 -2.91 3.17
CA LYS A 128 12.60 -3.28 1.80
C LYS A 128 12.16 -4.69 1.44
N GLU A 129 12.28 -5.62 2.38
CA GLU A 129 11.80 -6.98 2.16
C GLU A 129 10.27 -7.03 2.04
N LYS A 130 9.59 -6.25 2.87
CA LYS A 130 8.13 -6.25 2.92
C LYS A 130 7.53 -5.51 1.72
N TYR A 131 8.17 -4.40 1.35
CA TYR A 131 7.72 -3.56 0.23
C TYR A 131 8.84 -3.30 -0.77
N PRO A 132 9.27 -4.33 -1.53
CA PRO A 132 10.37 -4.15 -2.48
C PRO A 132 10.16 -3.06 -3.55
N ASN A 133 8.90 -2.76 -3.86
CA ASN A 133 8.56 -1.78 -4.89
C ASN A 133 8.42 -0.34 -4.41
N GLN A 134 8.67 -0.12 -3.12
CA GLN A 134 8.53 1.20 -2.51
C GLN A 134 9.87 1.91 -2.34
N LEU A 135 10.01 3.09 -2.93
CA LEU A 135 11.20 3.91 -2.73
C LEU A 135 11.18 4.50 -1.32
N LEU A 136 12.35 4.54 -0.69
CA LEU A 136 12.49 5.00 0.69
C LEU A 136 13.53 6.11 0.81
N MET A 137 13.28 7.03 1.73
CA MET A 137 14.21 8.12 2.04
C MET A 137 14.58 8.05 3.52
N ALA A 138 15.87 8.13 3.79
CA ALA A 138 16.38 8.10 5.17
C ALA A 138 16.60 9.51 5.66
N ASP A 139 15.80 9.94 6.64
CA ASP A 139 16.03 11.22 7.31
C ASP A 139 17.12 10.99 8.34
N ILE A 140 18.28 11.59 8.11
CA ILE A 140 19.42 11.40 9.00
C ILE A 140 20.00 12.72 9.49
N SER A 141 20.97 12.64 10.40
CA SER A 141 21.60 13.83 10.99
C SER A 141 23.11 13.91 10.79
N THR A 142 23.76 12.77 10.59
CA THR A 142 25.21 12.73 10.45
C THR A 142 25.65 11.94 9.21
N PHE A 143 26.91 12.13 8.85
CA PHE A 143 27.51 11.44 7.70
C PHE A 143 27.47 9.92 7.86
N ASP A 144 27.88 9.41 9.02
CA ASP A 144 27.84 7.97 9.26
C ASP A 144 26.43 7.37 9.18
N GLU A 145 25.44 8.11 9.68
CA GLU A 145 24.05 7.67 9.61
C GLU A 145 23.62 7.51 8.14
N GLY A 146 24.06 8.43 7.29
CA GLY A 146 23.80 8.37 5.85
C GLY A 146 24.42 7.13 5.23
N LEU A 147 25.68 6.87 5.58
CA LEU A 147 26.40 5.69 5.09
C LEU A 147 25.71 4.39 5.49
N VAL A 148 25.33 4.29 6.77
CA VAL A 148 24.64 3.11 7.30
C VAL A 148 23.31 2.88 6.57
N ALA A 149 22.56 3.95 6.36
CA ALA A 149 21.27 3.83 5.68
C ALA A 149 21.42 3.42 4.22
N HIS A 150 22.42 3.99 3.56
CA HIS A 150 22.71 3.65 2.17
C HIS A 150 23.11 2.18 2.03
N GLN A 151 24.01 1.72 2.89
CA GLN A 151 24.48 0.33 2.83
C GLN A 151 23.36 -0.67 3.13
N ALA A 152 22.36 -0.24 3.90
CA ALA A 152 21.19 -1.06 4.24
C ALA A 152 20.16 -1.11 3.10
N GLY A 153 20.33 -0.27 2.09
CA GLY A 153 19.48 -0.30 0.90
C GLY A 153 18.48 0.83 0.74
N ILE A 154 18.63 1.90 1.51
CA ILE A 154 17.77 3.07 1.33
C ILE A 154 18.00 3.67 -0.06
N ASP A 155 16.95 4.24 -0.66
CA ASP A 155 17.08 4.80 -2.01
C ASP A 155 17.62 6.22 -2.02
N PHE A 156 17.19 7.02 -1.03
CA PHE A 156 17.62 8.40 -0.91
C PHE A 156 18.02 8.69 0.52
N VAL A 157 19.03 9.54 0.68
CA VAL A 157 19.45 9.99 2.01
C VAL A 157 19.18 11.47 2.12
N GLY A 158 18.43 11.84 3.16
CA GLY A 158 18.07 13.22 3.42
C GLY A 158 18.70 13.75 4.68
N THR A 159 18.98 15.05 4.70
CA THR A 159 19.69 15.65 5.81
C THR A 159 18.78 16.34 6.83
N THR A 160 17.47 16.05 6.79
CA THR A 160 16.49 16.83 7.55
C THR A 160 16.73 16.89 9.06
N LEU A 161 17.37 15.87 9.62
CA LEU A 161 17.53 15.81 11.08
C LEU A 161 18.86 16.38 11.60
N SER A 162 19.72 16.85 10.69
CA SER A 162 20.95 17.52 11.09
C SER A 162 20.62 18.80 11.85
N GLY A 163 21.12 18.90 13.09
CA GLY A 163 20.78 20.01 13.97
C GLY A 163 19.65 19.69 14.91
N TYR A 164 19.01 18.53 14.70
CA TYR A 164 17.86 18.10 15.51
C TYR A 164 18.13 16.81 16.28
N THR A 165 19.41 16.45 16.35
CA THR A 165 19.90 15.43 17.27
C THR A 165 21.09 16.06 18.01
N PRO A 166 21.33 15.66 19.28
CA PRO A 166 22.37 16.29 20.11
C PRO A 166 23.79 16.16 19.57
N TYR A 167 24.05 15.11 18.80
CA TYR A 167 25.40 14.76 18.35
C TYR A 167 25.72 15.26 16.93
N SER A 168 24.73 15.85 16.27
CA SER A 168 24.94 16.40 14.92
C SER A 168 25.34 17.87 14.97
N ARG A 169 25.63 18.45 13.81
CA ARG A 169 26.00 19.86 13.69
C ARG A 169 24.90 20.77 14.25
N GLN A 170 25.25 21.55 15.27
CA GLN A 170 24.28 22.41 15.95
C GLN A 170 24.11 23.78 15.29
N GLU A 171 25.11 24.19 14.51
CA GLU A 171 25.15 25.51 13.89
C GLU A 171 23.93 25.80 13.00
N ALA A 172 23.54 27.07 12.96
CA ALA A 172 22.41 27.52 12.16
C ALA A 172 22.69 27.41 10.67
N GLY A 173 21.62 27.37 9.87
CA GLY A 173 21.74 27.21 8.42
C GLY A 173 21.83 25.76 7.99
N PRO A 174 21.73 25.52 6.67
CA PRO A 174 21.76 24.13 6.15
C PRO A 174 23.12 23.47 6.35
N ASP A 175 23.10 22.15 6.58
CA ASP A 175 24.34 21.40 6.77
C ASP A 175 24.97 21.08 5.41
N VAL A 176 25.55 22.11 4.80
CA VAL A 176 26.14 22.01 3.46
C VAL A 176 27.34 21.06 3.40
N ALA A 177 28.10 20.98 4.50
CA ALA A 177 29.24 20.06 4.61
C ALA A 177 28.78 18.61 4.54
N LEU A 178 27.71 18.30 5.26
CA LEU A 178 27.11 16.96 5.25
C LEU A 178 26.56 16.62 3.88
N ILE A 179 25.79 17.54 3.29
CA ILE A 179 25.24 17.38 1.96
C ILE A 179 26.34 17.05 0.95
N GLU A 180 27.38 17.89 0.92
CA GLU A 180 28.49 17.71 -0.01
C GLU A 180 29.21 16.36 0.18
N ALA A 181 29.50 16.02 1.44
CA ALA A 181 30.17 14.77 1.78
C ALA A 181 29.39 13.56 1.30
N LEU A 182 28.07 13.57 1.51
CA LEU A 182 27.21 12.47 1.05
C LEU A 182 27.18 12.38 -0.48
N CYS A 183 27.09 13.54 -1.14
CA CYS A 183 27.14 13.61 -2.61
C CYS A 183 28.43 13.01 -3.15
N LYS A 184 29.55 13.43 -2.57
CA LYS A 184 30.87 12.96 -2.99
C LYS A 184 31.04 11.46 -2.80
N ALA A 185 30.41 10.93 -1.75
CA ALA A 185 30.46 9.50 -1.43
C ALA A 185 29.68 8.64 -2.42
N GLY A 186 28.95 9.28 -3.33
CA GLY A 186 28.20 8.55 -4.36
C GLY A 186 26.83 8.11 -3.89
N ILE A 187 26.19 8.95 -3.08
CA ILE A 187 24.86 8.67 -2.54
C ILE A 187 23.85 9.60 -3.19
N ALA A 188 22.63 9.10 -3.44
CA ALA A 188 21.53 9.92 -3.93
C ALA A 188 21.00 10.77 -2.78
N VAL A 189 21.36 12.04 -2.77
CA VAL A 189 21.07 12.93 -1.65
C VAL A 189 19.88 13.84 -1.94
N ILE A 190 18.92 13.86 -1.02
CA ILE A 190 17.89 14.89 -1.02
C ILE A 190 18.19 15.86 0.12
N ALA A 191 18.72 17.03 -0.24
CA ALA A 191 19.11 18.04 0.75
C ALA A 191 17.86 18.62 1.40
N GLU A 192 17.86 18.62 2.73
CA GLU A 192 16.70 19.10 3.48
C GLU A 192 17.11 19.61 4.86
N GLY A 193 16.53 20.73 5.25
CA GLY A 193 16.71 21.27 6.59
C GLY A 193 17.36 22.64 6.60
N LYS A 194 16.61 23.62 7.09
CA LYS A 194 17.11 24.98 7.33
C LYS A 194 17.55 25.74 6.07
N ILE A 195 16.99 25.35 4.92
CA ILE A 195 17.25 26.06 3.67
C ILE A 195 16.28 27.26 3.60
N HIS A 196 16.82 28.45 3.89
CA HIS A 196 16.00 29.64 4.08
C HIS A 196 16.01 30.65 2.93
N SER A 197 17.03 30.58 2.07
CA SER A 197 17.18 31.54 0.96
C SER A 197 17.41 30.84 -0.37
N PRO A 198 16.94 31.47 -1.48
CA PRO A 198 17.25 30.95 -2.81
C PRO A 198 18.76 30.81 -3.06
N GLU A 199 19.55 31.68 -2.45
CA GLU A 199 21.00 31.64 -2.56
C GLU A 199 21.58 30.35 -1.99
N GLU A 200 21.10 29.95 -0.80
CA GLU A 200 21.47 28.67 -0.20
C GLU A 200 21.04 27.48 -1.08
N ALA A 201 19.84 27.57 -1.64
CA ALA A 201 19.32 26.51 -2.52
C ALA A 201 20.17 26.34 -3.77
N LYS A 202 20.62 27.45 -4.36
CA LYS A 202 21.49 27.39 -5.55
C LYS A 202 22.84 26.74 -5.23
N LYS A 203 23.43 27.15 -4.12
CA LYS A 203 24.70 26.58 -3.65
C LYS A 203 24.60 25.07 -3.45
N ILE A 204 23.48 24.63 -2.87
CA ILE A 204 23.23 23.21 -2.63
C ILE A 204 22.99 22.48 -3.95
N ASN A 205 22.19 23.08 -4.83
CA ASN A 205 21.91 22.51 -6.15
C ASN A 205 23.19 22.29 -6.95
N ASP A 206 24.16 23.18 -6.77
CA ASP A 206 25.43 23.10 -7.48
C ASP A 206 26.30 21.93 -7.02
N LEU A 207 25.94 21.32 -5.90
CA LEU A 207 26.69 20.18 -5.35
C LEU A 207 26.38 18.85 -6.04
N GLY A 208 25.31 18.81 -6.82
CA GLY A 208 24.92 17.59 -7.53
C GLY A 208 24.03 16.68 -6.70
N VAL A 209 23.10 17.28 -5.98
CA VAL A 209 22.11 16.55 -5.20
C VAL A 209 21.01 15.98 -6.11
N ALA A 210 20.37 14.90 -5.66
CA ALA A 210 19.23 14.32 -6.38
C ALA A 210 18.00 15.22 -6.26
N GLY A 211 17.93 15.98 -5.16
CA GLY A 211 16.81 16.88 -4.93
C GLY A 211 17.03 17.80 -3.76
N ILE A 212 16.12 18.76 -3.62
CA ILE A 212 16.17 19.74 -2.54
C ILE A 212 14.76 19.95 -2.00
N VAL A 213 14.61 19.84 -0.69
CA VAL A 213 13.36 20.13 -0.01
C VAL A 213 13.47 21.44 0.75
N VAL A 214 12.55 22.36 0.45
CA VAL A 214 12.40 23.61 1.21
C VAL A 214 11.04 23.54 1.90
N GLY A 215 11.04 23.81 3.20
CA GLY A 215 9.82 23.71 4.01
C GLY A 215 9.36 25.06 4.54
N GLY A 216 9.75 25.36 5.77
CA GLY A 216 9.32 26.58 6.48
C GLY A 216 9.47 27.88 5.72
N ALA A 217 10.56 27.99 4.95
CA ALA A 217 10.85 29.21 4.18
C ALA A 217 9.78 29.52 3.13
N ILE A 218 8.96 28.52 2.79
CA ILE A 218 7.85 28.71 1.86
C ILE A 218 6.49 28.59 2.54
N THR A 219 6.36 27.64 3.46
CA THR A 219 5.04 27.22 3.93
C THR A 219 4.75 27.51 5.41
N ARG A 220 5.69 28.15 6.10
CA ARG A 220 5.46 28.59 7.48
C ARG A 220 5.61 30.09 7.64
N PRO A 221 4.53 30.84 7.34
CA PRO A 221 4.58 32.30 7.43
C PRO A 221 5.05 32.81 8.79
N LYS A 222 4.73 32.10 9.86
CA LYS A 222 5.18 32.50 11.20
C LYS A 222 6.71 32.57 11.26
N GLU A 223 7.37 31.52 10.77
CA GLU A 223 8.84 31.45 10.80
C GLU A 223 9.48 32.47 9.87
N ILE A 224 8.90 32.66 8.69
CA ILE A 224 9.39 33.65 7.74
C ILE A 224 9.31 35.05 8.37
N ALA A 225 8.13 35.38 8.91
CA ALA A 225 7.91 36.67 9.56
C ALA A 225 8.86 36.91 10.72
N GLU A 226 9.08 35.87 11.54
CA GLU A 226 10.02 35.96 12.65
C GLU A 226 11.42 36.41 12.21
N ARG A 227 11.88 35.88 11.07
CA ARG A 227 13.20 36.26 10.55
C ARG A 227 13.25 37.71 10.08
N PHE A 228 12.16 38.20 9.48
CA PHE A 228 12.05 39.61 9.13
C PHE A 228 12.14 40.48 10.38
N ILE A 229 11.36 40.09 11.39
CA ILE A 229 11.26 40.84 12.65
C ILE A 229 12.57 40.86 13.43
N GLU A 230 13.26 39.72 13.43
CA GLU A 230 14.54 39.58 14.13
C GLU A 230 15.64 40.48 13.57
N ALA A 231 15.62 40.68 12.25
CA ALA A 231 16.60 41.52 11.56
C ALA A 231 16.49 42.99 11.98
N LEU A 232 15.32 43.37 12.48
CA LEU A 232 15.06 44.74 12.92
C LEU A 232 15.51 45.00 14.36
N LYS A 233 16.00 43.95 15.03
CA LYS A 233 16.49 44.06 16.40
C LYS A 233 18.02 44.19 16.42
N LYS B 4 -10.41 1.96 -4.11
CA LYS B 4 -10.71 3.00 -5.14
C LYS B 4 -12.22 3.21 -5.32
N PRO B 5 -12.97 2.17 -5.75
CA PRO B 5 -14.41 2.42 -5.86
C PRO B 5 -15.11 2.26 -4.51
N THR B 6 -16.21 2.98 -4.33
CA THR B 6 -17.07 2.75 -3.17
C THR B 6 -17.71 1.37 -3.34
N LYS B 7 -18.22 0.79 -2.25
CA LYS B 7 -18.91 -0.49 -2.32
C LYS B 7 -20.07 -0.43 -3.32
N GLU B 8 -20.88 0.63 -3.23
CA GLU B 8 -22.00 0.84 -4.14
C GLU B 8 -21.58 0.85 -5.61
N LYS B 9 -20.56 1.62 -5.93
CA LYS B 9 -20.07 1.72 -7.31
C LYS B 9 -19.47 0.40 -7.80
N LEU B 10 -18.73 -0.28 -6.93
CA LEU B 10 -18.19 -1.60 -7.28
C LEU B 10 -19.31 -2.60 -7.54
N MET B 11 -20.33 -2.60 -6.68
CA MET B 11 -21.49 -3.48 -6.86
C MET B 11 -22.20 -3.23 -8.20
N GLU B 12 -22.28 -1.96 -8.62
CA GLU B 12 -22.83 -1.61 -9.93
C GLU B 12 -22.01 -2.22 -11.07
N GLN B 13 -20.69 -2.16 -10.92
CA GLN B 13 -19.75 -2.74 -11.89
C GLN B 13 -19.84 -4.27 -11.95
N LEU B 14 -19.96 -4.92 -10.80
CA LEU B 14 -19.93 -6.39 -10.73
C LEU B 14 -21.25 -7.08 -11.06
N LYS B 15 -22.36 -6.36 -10.85
CA LYS B 15 -23.70 -6.93 -10.97
C LYS B 15 -23.96 -7.61 -12.31
N GLY B 16 -24.40 -8.87 -12.24
CA GLY B 16 -24.82 -9.60 -13.44
C GLY B 16 -23.71 -10.00 -14.38
N GLY B 17 -22.47 -9.90 -13.90
CA GLY B 17 -21.30 -10.24 -14.73
C GLY B 17 -20.47 -11.36 -14.14
N ILE B 18 -19.35 -11.63 -14.81
CA ILE B 18 -18.40 -12.65 -14.38
C ILE B 18 -17.06 -12.01 -14.02
N ILE B 19 -16.55 -12.35 -12.84
CA ILE B 19 -15.20 -11.99 -12.42
C ILE B 19 -14.35 -13.21 -12.72
N VAL B 20 -13.19 -13.01 -13.34
CA VAL B 20 -12.33 -14.16 -13.69
C VAL B 20 -11.09 -14.23 -12.78
N SER B 21 -10.92 -15.37 -12.12
CA SER B 21 -9.74 -15.60 -11.29
C SER B 21 -8.62 -16.10 -12.18
N CYS B 22 -7.50 -15.40 -12.16
CA CYS B 22 -6.37 -15.67 -13.02
C CYS B 22 -5.16 -16.03 -12.18
N GLN B 23 -5.10 -17.29 -11.74
CA GLN B 23 -4.04 -17.74 -10.84
C GLN B 23 -3.26 -18.94 -11.36
N ALA B 24 -1.96 -18.95 -11.02
CA ALA B 24 -1.09 -20.09 -11.26
C ALA B 24 -0.03 -20.10 -10.18
N LEU B 25 -0.04 -21.13 -9.36
CA LEU B 25 0.91 -21.28 -8.27
C LEU B 25 2.09 -22.10 -8.76
N PRO B 26 3.28 -21.92 -8.12
CA PRO B 26 4.43 -22.74 -8.50
C PRO B 26 4.06 -24.22 -8.58
N GLY B 27 4.51 -24.88 -9.64
CA GLY B 27 4.16 -26.27 -9.88
C GLY B 27 3.10 -26.44 -10.96
N GLU B 28 2.29 -25.41 -11.17
CA GLU B 28 1.27 -25.44 -12.21
C GLU B 28 1.87 -25.16 -13.59
N PRO B 29 1.25 -25.70 -14.66
CA PRO B 29 1.84 -25.53 -15.99
C PRO B 29 1.91 -24.08 -16.47
N LEU B 30 0.99 -23.24 -16.00
CA LEU B 30 0.99 -21.83 -16.41
C LEU B 30 1.71 -20.92 -15.41
N TYR B 31 2.41 -21.50 -14.45
CA TYR B 31 3.27 -20.70 -13.58
C TYR B 31 4.58 -20.39 -14.31
N SER B 32 4.91 -19.11 -14.38
CA SER B 32 6.17 -18.65 -14.95
C SER B 32 6.97 -17.92 -13.90
N GLU B 33 8.23 -18.29 -13.76
CA GLU B 33 9.16 -17.63 -12.84
C GLU B 33 9.38 -16.17 -13.23
N THR B 34 9.18 -15.85 -14.50
CA THR B 34 9.33 -14.49 -15.00
C THR B 34 7.99 -13.81 -15.27
N GLY B 35 6.90 -14.48 -14.88
CA GLY B 35 5.54 -13.94 -15.07
C GLY B 35 5.15 -13.82 -16.54
N GLY B 36 4.27 -12.87 -16.82
CA GLY B 36 3.86 -12.56 -18.19
C GLY B 36 2.76 -13.42 -18.78
N ILE B 37 2.27 -14.39 -18.01
CA ILE B 37 1.21 -15.29 -18.47
C ILE B 37 -0.15 -14.88 -17.90
N MET B 38 -0.21 -14.65 -16.59
CA MET B 38 -1.48 -14.26 -15.96
C MET B 38 -2.06 -12.94 -16.51
N PRO B 39 -1.20 -11.93 -16.80
CA PRO B 39 -1.77 -10.74 -17.47
C PRO B 39 -2.47 -11.04 -18.81
N LEU B 40 -1.98 -12.02 -19.55
CA LEU B 40 -2.63 -12.41 -20.82
C LEU B 40 -3.97 -13.07 -20.56
N MET B 41 -4.04 -13.85 -19.48
CA MET B 41 -5.28 -14.47 -19.05
C MET B 41 -6.29 -13.38 -18.65
N ALA B 42 -5.82 -12.36 -17.93
CA ALA B 42 -6.66 -11.24 -17.53
C ALA B 42 -7.15 -10.45 -18.75
N LYS B 43 -6.26 -10.24 -19.73
CA LYS B 43 -6.63 -9.59 -20.99
C LYS B 43 -7.73 -10.35 -21.70
N ALA B 44 -7.57 -11.68 -21.78
CA ALA B 44 -8.60 -12.54 -22.37
C ALA B 44 -9.94 -12.34 -21.68
N ALA B 45 -9.91 -12.31 -20.35
CA ALA B 45 -11.12 -12.10 -19.55
C ALA B 45 -11.76 -10.74 -19.89
N GLN B 46 -10.93 -9.69 -19.94
CA GLN B 46 -11.42 -8.35 -20.26
C GLN B 46 -12.09 -8.31 -21.64
N GLU B 47 -11.41 -8.88 -22.64
CA GLU B 47 -11.95 -8.92 -24.01
C GLU B 47 -13.28 -9.68 -24.11
N ALA B 48 -13.43 -10.70 -23.26
CA ALA B 48 -14.65 -11.49 -23.21
C ALA B 48 -15.82 -10.73 -22.60
N GLY B 49 -15.51 -9.68 -21.85
CA GLY B 49 -16.54 -8.88 -21.16
C GLY B 49 -16.61 -9.07 -19.66
N ALA B 50 -15.55 -9.63 -19.07
CA ALA B 50 -15.49 -9.81 -17.61
C ALA B 50 -15.61 -8.47 -16.89
N VAL B 51 -16.14 -8.49 -15.68
CA VAL B 51 -16.36 -7.25 -14.91
C VAL B 51 -15.31 -7.03 -13.81
N GLY B 52 -14.45 -8.03 -13.60
CA GLY B 52 -13.38 -7.94 -12.62
C GLY B 52 -12.43 -9.11 -12.72
N ILE B 53 -11.34 -9.03 -11.95
CA ILE B 53 -10.30 -10.05 -11.94
C ILE B 53 -9.99 -10.41 -10.48
N ARG B 54 -9.81 -11.70 -10.20
CA ARG B 54 -9.23 -12.13 -8.93
C ARG B 54 -7.83 -12.63 -9.21
N ALA B 55 -6.85 -12.18 -8.42
CA ALA B 55 -5.47 -12.52 -8.67
C ALA B 55 -4.70 -12.73 -7.38
N ASN B 56 -3.63 -13.51 -7.49
CA ASN B 56 -2.78 -13.89 -6.36
C ASN B 56 -1.36 -13.41 -6.54
N SER B 57 -0.78 -12.89 -5.46
CA SER B 57 0.61 -12.39 -5.36
C SER B 57 0.78 -10.95 -5.85
N VAL B 58 1.67 -10.25 -5.17
CA VAL B 58 2.03 -8.88 -5.53
C VAL B 58 2.50 -8.82 -7.00
N ARG B 59 3.34 -9.77 -7.39
CA ARG B 59 3.85 -9.82 -8.75
C ARG B 59 2.72 -9.89 -9.80
N ASP B 60 1.83 -10.88 -9.66
CA ASP B 60 0.76 -11.05 -10.65
C ASP B 60 -0.20 -9.87 -10.66
N ILE B 61 -0.54 -9.37 -9.47
CA ILE B 61 -1.48 -8.26 -9.37
C ILE B 61 -0.94 -7.03 -10.10
N LYS B 62 0.34 -6.73 -9.91
CA LYS B 62 0.96 -5.58 -10.55
C LYS B 62 1.01 -5.75 -12.07
N GLU B 63 1.34 -6.96 -12.53
CA GLU B 63 1.37 -7.25 -13.97
C GLU B 63 -0.02 -7.11 -14.61
N ILE B 64 -1.05 -7.57 -13.89
CA ILE B 64 -2.42 -7.48 -14.36
C ILE B 64 -2.91 -6.03 -14.35
N GLN B 65 -2.57 -5.28 -13.30
CA GLN B 65 -2.91 -3.85 -13.21
C GLN B 65 -2.37 -3.06 -14.39
N ALA B 66 -1.21 -3.50 -14.89
CA ALA B 66 -0.55 -2.83 -16.02
C ALA B 66 -1.33 -2.98 -17.33
N ILE B 67 -2.17 -4.02 -17.43
CA ILE B 67 -2.86 -4.29 -18.70
C ILE B 67 -4.39 -4.14 -18.66
N THR B 68 -4.96 -3.96 -17.47
CA THR B 68 -6.40 -3.76 -17.34
C THR B 68 -6.79 -2.78 -16.24
N ASP B 69 -7.88 -2.06 -16.47
CA ASP B 69 -8.45 -1.17 -15.47
C ASP B 69 -9.64 -1.82 -14.73
N LEU B 70 -9.90 -3.10 -15.02
CA LEU B 70 -10.90 -3.85 -14.28
C LEU B 70 -10.58 -3.89 -12.78
N PRO B 71 -11.61 -3.85 -11.92
CA PRO B 71 -11.36 -3.94 -10.48
C PRO B 71 -10.76 -5.30 -10.14
N ILE B 72 -9.82 -5.30 -9.19
CA ILE B 72 -9.13 -6.52 -8.80
C ILE B 72 -9.50 -6.91 -7.37
N ILE B 73 -9.81 -8.18 -7.20
CA ILE B 73 -9.84 -8.83 -5.90
C ILE B 73 -8.48 -9.50 -5.73
N GLY B 74 -7.71 -9.03 -4.74
CA GLY B 74 -6.33 -9.50 -4.56
C GLY B 74 -6.14 -10.35 -3.32
N ILE B 75 -5.31 -11.39 -3.46
CA ILE B 75 -4.94 -12.26 -2.35
C ILE B 75 -3.44 -12.55 -2.38
N ILE B 76 -2.89 -13.01 -1.26
CA ILE B 76 -1.54 -13.58 -1.25
C ILE B 76 -1.60 -14.93 -0.56
N LYS B 77 -1.38 -15.99 -1.34
CA LYS B 77 -1.37 -17.35 -0.82
C LYS B 77 0.01 -17.67 -0.25
N LYS B 78 0.03 -17.95 1.04
CA LYS B 78 1.27 -18.26 1.74
C LYS B 78 0.92 -19.09 2.96
N ASP B 79 1.61 -20.23 3.11
CA ASP B 79 1.39 -21.11 4.25
C ASP B 79 1.95 -20.50 5.53
N TYR B 80 1.21 -20.68 6.61
CA TYR B 80 1.67 -20.35 7.96
C TYR B 80 1.40 -21.55 8.86
N PRO B 81 2.25 -22.59 8.76
CA PRO B 81 2.05 -23.81 9.55
C PRO B 81 2.30 -23.56 11.05
N PRO B 82 1.73 -24.42 11.92
CA PRO B 82 0.95 -25.61 11.62
C PRO B 82 -0.53 -25.35 11.33
N GLN B 83 -0.94 -24.09 11.40
CA GLN B 83 -2.34 -23.72 11.13
C GLN B 83 -2.67 -23.87 9.64
N GLU B 84 -3.97 -23.91 9.34
CA GLU B 84 -4.44 -24.29 8.00
C GLU B 84 -4.67 -23.15 7.00
N PRO B 85 -5.16 -21.98 7.47
CA PRO B 85 -5.41 -20.91 6.49
C PRO B 85 -4.15 -20.54 5.69
N PHE B 86 -4.33 -20.24 4.41
CA PHE B 86 -3.21 -19.79 3.59
C PHE B 86 -3.56 -18.66 2.62
N ILE B 87 -4.85 -18.32 2.50
CA ILE B 87 -5.26 -17.19 1.67
C ILE B 87 -5.22 -15.92 2.52
N THR B 88 -4.18 -15.10 2.29
CA THR B 88 -4.03 -13.82 3.00
C THR B 88 -4.17 -14.04 4.50
N ALA B 89 -3.30 -14.91 5.03
CA ALA B 89 -3.44 -15.46 6.38
C ALA B 89 -3.16 -14.49 7.52
N THR B 90 -2.22 -13.57 7.32
CA THR B 90 -1.81 -12.67 8.40
C THR B 90 -1.85 -11.21 7.95
N MET B 91 -1.67 -10.29 8.91
CA MET B 91 -1.63 -8.87 8.58
C MET B 91 -0.53 -8.53 7.57
N THR B 92 0.57 -9.29 7.58
CA THR B 92 1.63 -9.06 6.61
C THR B 92 1.10 -9.05 5.17
N GLU B 93 0.28 -10.05 4.84
CA GLU B 93 -0.31 -10.16 3.50
C GLU B 93 -1.32 -9.05 3.24
N VAL B 94 -2.12 -8.73 4.27
CA VAL B 94 -3.08 -7.63 4.17
C VAL B 94 -2.33 -6.33 3.86
N ASP B 95 -1.25 -6.08 4.61
CA ASP B 95 -0.42 -4.88 4.43
C ASP B 95 0.10 -4.77 3.00
N GLN B 96 0.65 -5.87 2.50
CA GLN B 96 1.23 -5.90 1.16
C GLN B 96 0.17 -5.65 0.08
N LEU B 97 -1.03 -6.19 0.28
CA LEU B 97 -2.12 -5.97 -0.65
C LEU B 97 -2.69 -4.54 -0.57
N ALA B 98 -2.71 -4.00 0.65
CA ALA B 98 -3.22 -2.64 0.90
C ALA B 98 -2.37 -1.57 0.19
N ALA B 99 -1.14 -1.95 -0.15
CA ALA B 99 -0.20 -1.06 -0.84
C ALA B 99 -0.36 -1.04 -2.35
N LEU B 100 -1.21 -1.92 -2.88
CA LEU B 100 -1.33 -2.11 -4.34
C LEU B 100 -2.41 -1.28 -5.01
N ASN B 101 -3.20 -0.55 -4.23
CA ASN B 101 -4.29 0.28 -4.77
C ASN B 101 -5.29 -0.56 -5.56
N ILE B 102 -5.72 -1.68 -4.96
CA ILE B 102 -6.71 -2.57 -5.57
C ILE B 102 -8.07 -2.46 -4.88
N ALA B 103 -9.12 -2.82 -5.62
CA ALA B 103 -10.50 -2.63 -5.17
C ALA B 103 -10.82 -3.41 -3.90
N VAL B 104 -10.41 -4.68 -3.87
CA VAL B 104 -10.81 -5.60 -2.80
C VAL B 104 -9.64 -6.45 -2.35
N ILE B 105 -9.47 -6.57 -1.04
CA ILE B 105 -8.58 -7.57 -0.44
C ILE B 105 -9.45 -8.72 0.03
N ALA B 106 -9.16 -9.93 -0.44
CA ALA B 106 -9.86 -11.12 0.03
C ALA B 106 -8.96 -11.88 0.98
N MET B 107 -9.56 -12.51 1.99
CA MET B 107 -8.78 -13.23 3.00
C MET B 107 -9.59 -14.36 3.62
N ASP B 108 -8.89 -15.42 4.02
CA ASP B 108 -9.50 -16.53 4.75
C ASP B 108 -10.17 -16.01 6.01
N CYS B 109 -11.48 -16.19 6.12
CA CYS B 109 -12.23 -15.82 7.33
C CYS B 109 -12.99 -17.01 7.91
N THR B 110 -12.40 -18.20 7.75
CA THR B 110 -12.95 -19.41 8.34
C THR B 110 -12.76 -19.38 9.86
N LYS B 111 -13.41 -20.32 10.55
CA LYS B 111 -13.38 -20.40 12.01
C LYS B 111 -12.10 -21.04 12.55
N ARG B 112 -11.20 -21.44 11.65
CA ARG B 112 -10.04 -22.24 12.00
C ARG B 112 -8.99 -21.46 12.81
N ASP B 113 -8.22 -22.17 13.61
CA ASP B 113 -7.13 -21.57 14.39
C ASP B 113 -6.21 -20.76 13.49
N ARG B 114 -5.91 -19.53 13.91
CA ARG B 114 -5.05 -18.63 13.15
C ARG B 114 -3.63 -18.65 13.70
N HIS B 115 -2.66 -18.49 12.80
CA HIS B 115 -1.25 -18.44 13.18
C HIS B 115 -0.96 -17.29 14.15
N ASP B 116 -1.67 -16.17 13.98
CA ASP B 116 -1.47 -14.99 14.84
C ASP B 116 -2.24 -15.08 16.16
N GLY B 117 -3.00 -16.16 16.35
CA GLY B 117 -3.74 -16.41 17.59
C GLY B 117 -4.98 -15.57 17.83
N LEU B 118 -5.33 -14.70 16.87
CA LEU B 118 -6.53 -13.87 17.00
C LEU B 118 -7.78 -14.66 16.64
N ASP B 119 -8.92 -14.27 17.19
CA ASP B 119 -10.19 -14.77 16.64
C ASP B 119 -10.46 -13.97 15.37
N ILE B 120 -11.17 -14.58 14.43
CA ILE B 120 -11.36 -13.97 13.11
C ILE B 120 -12.07 -12.60 13.16
N ALA B 121 -13.09 -12.47 14.00
CA ALA B 121 -13.80 -11.19 14.14
C ALA B 121 -12.86 -10.07 14.58
N SER B 122 -11.96 -10.39 15.52
CA SER B 122 -10.96 -9.42 15.99
C SER B 122 -9.99 -9.02 14.89
N PHE B 123 -9.59 -10.00 14.07
CA PHE B 123 -8.70 -9.70 12.95
C PHE B 123 -9.37 -8.79 11.92
N ILE B 124 -10.60 -9.13 11.53
CA ILE B 124 -11.37 -8.29 10.61
C ILE B 124 -11.46 -6.84 11.12
N ARG B 125 -11.75 -6.68 12.41
CA ARG B 125 -11.83 -5.36 13.03
C ARG B 125 -10.49 -4.62 13.01
N GLN B 126 -9.40 -5.33 13.26
CA GLN B 126 -8.05 -4.76 13.16
C GLN B 126 -7.73 -4.24 11.76
N VAL B 127 -8.08 -5.01 10.75
CA VAL B 127 -7.86 -4.62 9.36
C VAL B 127 -8.68 -3.36 9.04
N LYS B 128 -9.96 -3.38 9.41
CA LYS B 128 -10.87 -2.26 9.17
C LYS B 128 -10.40 -0.96 9.83
N GLU B 129 -9.81 -1.09 11.02
CA GLU B 129 -9.28 0.08 11.74
C GLU B 129 -7.99 0.61 11.11
N LYS B 130 -7.15 -0.29 10.61
CA LYS B 130 -5.87 0.08 10.02
C LYS B 130 -6.05 0.68 8.62
N TYR B 131 -6.96 0.10 7.84
CA TYR B 131 -7.22 0.53 6.48
C TYR B 131 -8.73 0.78 6.26
N PRO B 132 -9.25 1.88 6.84
CA PRO B 132 -10.72 2.08 6.82
C PRO B 132 -11.34 2.23 5.44
N ASN B 133 -10.54 2.64 4.46
CA ASN B 133 -11.03 2.88 3.10
C ASN B 133 -10.82 1.72 2.12
N GLN B 134 -10.35 0.59 2.64
CA GLN B 134 -10.13 -0.61 1.82
C GLN B 134 -11.28 -1.59 1.93
N LEU B 135 -11.90 -1.91 0.80
CA LEU B 135 -12.96 -2.93 0.78
C LEU B 135 -12.34 -4.30 1.00
N LEU B 136 -13.04 -5.12 1.79
CA LEU B 136 -12.58 -6.45 2.18
C LEU B 136 -13.59 -7.53 1.82
N MET B 137 -13.09 -8.70 1.44
CA MET B 137 -13.93 -9.85 1.12
C MET B 137 -13.51 -11.01 2.00
N ALA B 138 -14.50 -11.67 2.61
CA ALA B 138 -14.25 -12.84 3.46
C ALA B 138 -14.42 -14.13 2.67
N ASP B 139 -13.31 -14.86 2.48
CA ASP B 139 -13.38 -16.20 1.91
C ASP B 139 -13.79 -17.17 3.03
N ILE B 140 -14.99 -17.74 2.92
CA ILE B 140 -15.51 -18.61 3.98
C ILE B 140 -15.94 -19.98 3.42
N SER B 141 -16.28 -20.90 4.32
CA SER B 141 -16.68 -22.25 3.93
C SER B 141 -18.09 -22.63 4.36
N THR B 142 -18.57 -22.01 5.43
CA THR B 142 -19.90 -22.30 5.97
C THR B 142 -20.75 -21.04 6.13
N PHE B 143 -22.06 -21.25 6.25
CA PHE B 143 -23.03 -20.18 6.48
C PHE B 143 -22.67 -19.37 7.72
N ASP B 144 -22.41 -20.06 8.84
CA ASP B 144 -22.08 -19.37 10.08
C ASP B 144 -20.81 -18.52 9.95
N GLU B 145 -19.81 -19.04 9.23
CA GLU B 145 -18.59 -18.27 9.00
C GLU B 145 -18.91 -16.97 8.26
N GLY B 146 -19.81 -17.07 7.28
CA GLY B 146 -20.29 -15.89 6.54
C GLY B 146 -20.99 -14.88 7.45
N LEU B 147 -21.84 -15.37 8.35
CA LEU B 147 -22.54 -14.49 9.29
C LEU B 147 -21.59 -13.79 10.27
N VAL B 148 -20.60 -14.54 10.77
CA VAL B 148 -19.61 -13.99 11.69
C VAL B 148 -18.80 -12.88 11.00
N ALA B 149 -18.38 -13.13 9.76
CA ALA B 149 -17.60 -12.15 9.01
C ALA B 149 -18.42 -10.90 8.69
N HIS B 150 -19.68 -11.11 8.30
CA HIS B 150 -20.62 -10.04 8.04
C HIS B 150 -20.81 -9.17 9.29
N GLN B 151 -21.05 -9.82 10.42
CA GLN B 151 -21.23 -9.13 11.71
C GLN B 151 -20.00 -8.32 12.11
N ALA B 152 -18.80 -8.82 11.75
CA ALA B 152 -17.54 -8.15 12.03
C ALA B 152 -17.26 -6.93 11.12
N GLY B 153 -18.06 -6.79 10.06
CA GLY B 153 -17.98 -5.62 9.20
C GLY B 153 -17.32 -5.84 7.84
N ILE B 154 -17.14 -7.10 7.45
CA ILE B 154 -16.59 -7.38 6.12
C ILE B 154 -17.53 -6.83 5.04
N ASP B 155 -16.99 -6.42 3.90
CA ASP B 155 -17.82 -5.81 2.86
C ASP B 155 -18.50 -6.84 1.96
N PHE B 156 -17.77 -7.90 1.63
CA PHE B 156 -18.28 -8.98 0.79
C PHE B 156 -18.00 -10.31 1.45
N VAL B 157 -18.91 -11.27 1.25
CA VAL B 157 -18.69 -12.64 1.71
C VAL B 157 -18.62 -13.55 0.50
N GLY B 158 -17.51 -14.29 0.40
CA GLY B 158 -17.27 -15.22 -0.71
C GLY B 158 -17.36 -16.66 -0.25
N THR B 159 -17.83 -17.54 -1.14
CA THR B 159 -18.03 -18.95 -0.81
C THR B 159 -16.84 -19.82 -1.23
N THR B 160 -15.71 -19.14 -1.46
CA THR B 160 -14.47 -19.69 -1.97
C THR B 160 -14.01 -20.99 -1.31
N LEU B 161 -14.13 -21.06 0.00
CA LEU B 161 -13.56 -22.18 0.75
C LEU B 161 -14.55 -23.30 1.08
N SER B 162 -15.79 -23.20 0.62
CA SER B 162 -16.74 -24.29 0.80
C SER B 162 -16.23 -25.53 0.07
N GLY B 163 -16.10 -26.63 0.80
CA GLY B 163 -15.49 -27.85 0.26
C GLY B 163 -13.98 -27.93 0.47
N TYR B 164 -13.40 -26.88 1.04
CA TYR B 164 -11.96 -26.82 1.26
C TYR B 164 -11.61 -26.67 2.74
N THR B 165 -12.58 -27.04 3.58
CA THR B 165 -12.38 -27.21 5.01
C THR B 165 -13.05 -28.54 5.38
N PRO B 166 -12.59 -29.20 6.44
CA PRO B 166 -13.12 -30.54 6.76
C PRO B 166 -14.60 -30.59 7.17
N TYR B 167 -15.14 -29.46 7.62
CA TYR B 167 -16.47 -29.40 8.25
C TYR B 167 -17.52 -28.74 7.33
N SER B 168 -17.10 -28.30 6.15
CA SER B 168 -18.03 -27.71 5.19
C SER B 168 -18.59 -28.76 4.22
N ARG B 169 -19.45 -28.32 3.30
CA ARG B 169 -20.05 -29.21 2.31
C ARG B 169 -18.97 -29.84 1.43
N GLN B 170 -18.93 -31.17 1.42
CA GLN B 170 -17.89 -31.89 0.68
C GLN B 170 -18.26 -32.21 -0.76
N GLU B 171 -19.55 -32.13 -1.07
CA GLU B 171 -20.08 -32.53 -2.38
C GLU B 171 -19.49 -31.72 -3.53
N ALA B 172 -19.41 -32.34 -4.70
CA ALA B 172 -18.89 -31.70 -5.91
C ALA B 172 -19.80 -30.56 -6.35
N GLY B 173 -19.24 -29.63 -7.13
CA GLY B 173 -20.01 -28.52 -7.67
C GLY B 173 -20.11 -27.36 -6.70
N PRO B 174 -20.65 -26.22 -7.17
CA PRO B 174 -20.71 -25.02 -6.34
C PRO B 174 -21.70 -25.18 -5.19
N ASP B 175 -21.43 -24.52 -4.07
CA ASP B 175 -22.29 -24.60 -2.90
C ASP B 175 -23.46 -23.64 -3.04
N VAL B 176 -24.43 -24.03 -3.87
CA VAL B 176 -25.57 -23.18 -4.20
C VAL B 176 -26.45 -22.91 -2.97
N ALA B 177 -26.62 -23.91 -2.10
CA ALA B 177 -27.38 -23.73 -0.86
C ALA B 177 -26.79 -22.65 0.03
N LEU B 178 -25.46 -22.64 0.14
CA LEU B 178 -24.74 -21.63 0.93
C LEU B 178 -24.89 -20.23 0.33
N ILE B 179 -24.73 -20.14 -0.99
CA ILE B 179 -24.87 -18.88 -1.70
C ILE B 179 -26.27 -18.27 -1.46
N GLU B 180 -27.30 -19.10 -1.62
CA GLU B 180 -28.68 -18.64 -1.44
C GLU B 180 -28.95 -18.19 0.00
N ALA B 181 -28.50 -18.99 0.96
CA ALA B 181 -28.68 -18.68 2.39
C ALA B 181 -28.04 -17.33 2.75
N LEU B 182 -26.85 -17.06 2.20
CA LEU B 182 -26.16 -15.81 2.47
C LEU B 182 -26.86 -14.62 1.82
N CYS B 183 -27.37 -14.81 0.60
CA CYS B 183 -28.12 -13.76 -0.10
C CYS B 183 -29.37 -13.39 0.68
N LYS B 184 -30.06 -14.41 1.20
CA LYS B 184 -31.29 -14.20 1.97
C LYS B 184 -31.03 -13.49 3.31
N ALA B 185 -29.79 -13.54 3.78
CA ALA B 185 -29.37 -12.82 4.99
C ALA B 185 -29.06 -11.35 4.74
N GLY B 186 -29.25 -10.91 3.49
CA GLY B 186 -29.01 -9.51 3.10
C GLY B 186 -27.56 -9.15 2.89
N ILE B 187 -26.72 -10.17 2.70
CA ILE B 187 -25.29 -9.98 2.53
C ILE B 187 -24.91 -9.79 1.05
N ALA B 188 -23.90 -8.95 0.80
CA ALA B 188 -23.32 -8.81 -0.54
C ALA B 188 -22.44 -10.03 -0.79
N VAL B 189 -22.97 -10.98 -1.56
CA VAL B 189 -22.34 -12.29 -1.75
C VAL B 189 -21.59 -12.34 -3.08
N ILE B 190 -20.32 -12.74 -3.01
CA ILE B 190 -19.56 -13.07 -4.20
C ILE B 190 -19.46 -14.59 -4.26
N ALA B 191 -20.25 -15.18 -5.16
CA ALA B 191 -20.26 -16.63 -5.34
C ALA B 191 -18.94 -17.04 -5.95
N GLU B 192 -18.27 -17.99 -5.31
CA GLU B 192 -16.97 -18.46 -5.79
C GLU B 192 -16.71 -19.89 -5.35
N GLY B 193 -16.20 -20.70 -6.26
CA GLY B 193 -15.77 -22.06 -5.95
C GLY B 193 -16.52 -23.10 -6.75
N LYS B 194 -15.76 -23.82 -7.58
CA LYS B 194 -16.24 -24.99 -8.31
C LYS B 194 -17.35 -24.67 -9.34
N ILE B 195 -17.39 -23.42 -9.81
CA ILE B 195 -18.32 -23.04 -10.87
C ILE B 195 -17.70 -23.44 -12.21
N HIS B 196 -18.20 -24.53 -12.78
CA HIS B 196 -17.58 -25.13 -13.97
C HIS B 196 -18.34 -24.94 -15.27
N SER B 197 -19.62 -24.58 -15.20
CA SER B 197 -20.44 -24.45 -16.41
C SER B 197 -21.22 -23.14 -16.45
N PRO B 198 -21.43 -22.58 -17.67
CA PRO B 198 -22.30 -21.42 -17.83
C PRO B 198 -23.69 -21.61 -17.18
N GLU B 199 -24.21 -22.84 -17.23
CA GLU B 199 -25.51 -23.17 -16.64
C GLU B 199 -25.50 -23.00 -15.12
N GLU B 200 -24.42 -23.42 -14.47
CA GLU B 200 -24.26 -23.19 -13.03
C GLU B 200 -24.19 -21.71 -12.71
N ALA B 201 -23.44 -20.97 -13.52
CA ALA B 201 -23.28 -19.53 -13.36
C ALA B 201 -24.61 -18.80 -13.48
N LYS B 202 -25.44 -19.24 -14.44
CA LYS B 202 -26.77 -18.65 -14.65
C LYS B 202 -27.68 -18.90 -13.45
N LYS B 203 -27.70 -20.14 -12.95
CA LYS B 203 -28.48 -20.50 -11.76
C LYS B 203 -28.08 -19.64 -10.55
N ILE B 204 -26.77 -19.47 -10.37
CA ILE B 204 -26.23 -18.65 -9.29
C ILE B 204 -26.57 -17.16 -9.46
N ASN B 205 -26.43 -16.66 -10.68
CA ASN B 205 -26.76 -15.26 -11.00
C ASN B 205 -28.21 -14.93 -10.65
N ASP B 206 -29.09 -15.90 -10.85
CA ASP B 206 -30.52 -15.73 -10.58
C ASP B 206 -30.85 -15.62 -9.08
N LEU B 207 -29.87 -15.92 -8.23
CA LEU B 207 -30.06 -15.85 -6.78
C LEU B 207 -29.94 -14.42 -6.21
N GLY B 208 -29.42 -13.51 -7.02
CA GLY B 208 -29.23 -12.12 -6.60
C GLY B 208 -27.92 -11.92 -5.84
N VAL B 209 -26.84 -12.44 -6.40
CA VAL B 209 -25.51 -12.27 -5.83
C VAL B 209 -24.92 -10.93 -6.24
N ALA B 210 -23.97 -10.43 -5.45
CA ALA B 210 -23.23 -9.22 -5.80
C ALA B 210 -22.26 -9.47 -6.95
N GLY B 211 -21.78 -10.71 -7.05
CA GLY B 211 -20.86 -11.09 -8.10
C GLY B 211 -20.63 -12.59 -8.17
N ILE B 212 -19.93 -13.01 -9.22
CA ILE B 212 -19.62 -14.42 -9.45
C ILE B 212 -18.17 -14.51 -9.92
N VAL B 213 -17.38 -15.33 -9.24
CA VAL B 213 -15.99 -15.57 -9.65
C VAL B 213 -15.88 -16.96 -10.28
N VAL B 214 -15.39 -17.00 -11.52
CA VAL B 214 -15.06 -18.27 -12.19
C VAL B 214 -13.54 -18.29 -12.36
N GLY B 215 -12.92 -19.39 -11.94
CA GLY B 215 -11.47 -19.51 -11.97
C GLY B 215 -10.97 -20.56 -12.95
N GLY B 216 -10.69 -21.75 -12.44
CA GLY B 216 -10.08 -22.84 -13.22
C GLY B 216 -10.81 -23.19 -14.50
N ALA B 217 -12.13 -23.06 -14.49
CA ALA B 217 -12.94 -23.38 -15.68
C ALA B 217 -12.63 -22.47 -16.88
N ILE B 218 -11.94 -21.36 -16.61
CA ILE B 218 -11.51 -20.44 -17.66
C ILE B 218 -9.99 -20.43 -17.81
N THR B 219 -9.28 -20.40 -16.69
CA THR B 219 -7.84 -20.09 -16.68
C THR B 219 -6.91 -21.24 -16.28
N ARG B 220 -7.46 -22.43 -16.04
CA ARG B 220 -6.62 -23.60 -15.80
C ARG B 220 -6.84 -24.71 -16.84
N PRO B 221 -6.17 -24.60 -17.99
CA PRO B 221 -6.34 -25.58 -19.06
C PRO B 221 -6.14 -27.02 -18.59
N LYS B 222 -5.24 -27.24 -17.64
CA LYS B 222 -5.01 -28.59 -17.10
C LYS B 222 -6.30 -29.16 -16.49
N GLU B 223 -6.97 -28.37 -15.65
CA GLU B 223 -8.19 -28.83 -15.00
C GLU B 223 -9.35 -29.02 -15.98
N ILE B 224 -9.48 -28.09 -16.94
CA ILE B 224 -10.49 -28.20 -17.98
C ILE B 224 -10.27 -29.48 -18.80
N ALA B 225 -9.03 -29.69 -19.23
CA ALA B 225 -8.69 -30.89 -20.02
C ALA B 225 -8.95 -32.18 -19.23
N GLU B 226 -8.60 -32.19 -17.94
CA GLU B 226 -8.87 -33.35 -17.09
C GLU B 226 -10.36 -33.74 -17.10
N ARG B 227 -11.23 -32.73 -17.05
CA ARG B 227 -12.67 -32.96 -17.07
C ARG B 227 -13.16 -33.55 -18.40
N PHE B 228 -12.59 -33.09 -19.52
CA PHE B 228 -12.88 -33.69 -20.82
C PHE B 228 -12.43 -35.15 -20.83
N ILE B 229 -11.20 -35.37 -20.39
CA ILE B 229 -10.57 -36.70 -20.42
C ILE B 229 -11.31 -37.66 -19.50
N GLU B 230 -11.78 -37.16 -18.35
CA GLU B 230 -12.52 -37.97 -17.38
C GLU B 230 -13.87 -38.50 -17.93
N ALA B 231 -14.54 -37.67 -18.72
CA ALA B 231 -15.82 -38.04 -19.33
C ALA B 231 -15.72 -39.22 -20.29
N LEU B 232 -14.51 -39.50 -20.79
CA LEU B 232 -14.29 -40.59 -21.75
C LEU B 232 -13.98 -41.93 -21.10
N LYS B 233 -13.86 -41.94 -19.77
CA LYS B 233 -13.55 -43.16 -19.03
C LYS B 233 -14.77 -44.04 -18.78
#